data_1AJZ
#
_entry.id   1AJZ
#
_cell.length_a   93.020
_cell.length_b   60.200
_cell.length_c   59.800
_cell.angle_alpha   90.00
_cell.angle_beta   114.50
_cell.angle_gamma   90.00
#
_symmetry.space_group_name_H-M   'C 1 21 1'
#
loop_
_entity.id
_entity.type
_entity.pdbx_description
1 polymer 'DIHYDROPTEROATE SYNTHASE'
2 non-polymer 'SULFATE ION'
3 water water
#
_entity_poly.entity_id   1
_entity_poly.type   'polypeptide(L)'
_entity_poly.pdbx_seq_one_letter_code
;MKLFAQGTSLDLSHPHVMGILNVTPDSFSDGGTHNSLIDAVKHANLMINAGATIIDVGGESTRPGAAEVSVEEELQRVIP
VVEAIAQRFEVWISVDTSKPEVIRESAKVGAHIINDIRSLSEPGALEAAAETGLPVCLMHMQGNPKTMQEAPKYDDVFAE
VNRYFIEQIARCEQAGIAKEKLLLDPGFGFGKNLSHNYSLLARLAEFHHFNLPLLVGMSRKSMIGQLLNVGPSERLSGSL
ACAVIAAMQGAHIIRVHDVKETVEAMRVVEATLSAKENKRYE
;
_entity_poly.pdbx_strand_id   A
#
# COMPACT_ATOMS: atom_id res chain seq x y z
N MET A 1 15.56 -10.10 -1.33
CA MET A 1 15.67 -8.81 -0.54
C MET A 1 14.93 -9.06 0.78
N LYS A 2 15.35 -8.37 1.83
CA LYS A 2 14.66 -8.48 3.10
C LYS A 2 14.41 -7.09 3.64
N LEU A 3 13.25 -6.89 4.26
CA LEU A 3 13.00 -5.67 5.03
C LEU A 3 13.19 -5.94 6.52
N PHE A 4 13.82 -5.05 7.30
CA PHE A 4 13.91 -5.25 8.77
C PHE A 4 13.25 -4.04 9.43
N ALA A 5 12.39 -4.45 10.37
CA ALA A 5 11.65 -3.53 11.23
C ALA A 5 11.24 -4.24 12.49
N GLN A 6 11.26 -3.49 13.61
CA GLN A 6 10.79 -3.93 14.93
C GLN A 6 11.38 -5.25 15.45
N GLY A 7 12.58 -5.57 14.99
CA GLY A 7 13.29 -6.77 15.42
C GLY A 7 12.89 -8.02 14.67
N THR A 8 12.32 -7.82 13.44
CA THR A 8 11.94 -8.88 12.50
C THR A 8 12.30 -8.47 11.08
N SER A 9 12.15 -9.44 10.19
CA SER A 9 12.46 -9.33 8.77
C SER A 9 11.29 -9.83 7.97
N LEU A 10 11.18 -9.32 6.76
CA LEU A 10 10.17 -9.73 5.80
C LEU A 10 11.02 -10.07 4.56
N ASP A 11 10.95 -11.33 4.17
CA ASP A 11 11.66 -11.86 3.01
C ASP A 11 10.87 -11.67 1.70
N LEU A 12 11.31 -10.80 0.79
CA LEU A 12 10.55 -10.50 -0.42
C LEU A 12 11.03 -11.34 -1.61
N SER A 13 11.21 -12.68 -1.41
CA SER A 13 11.63 -13.67 -2.43
C SER A 13 10.45 -14.21 -3.20
N HIS A 14 9.32 -14.11 -2.49
CA HIS A 14 8.09 -14.55 -3.06
C HIS A 14 7.07 -13.40 -2.82
N PRO A 15 6.02 -13.24 -3.64
CA PRO A 15 4.99 -12.22 -3.41
C PRO A 15 4.24 -12.28 -2.09
N HIS A 16 4.03 -11.11 -1.51
CA HIS A 16 3.30 -10.93 -0.26
C HIS A 16 1.95 -10.27 -0.53
N VAL A 17 0.96 -10.79 0.13
CA VAL A 17 -0.40 -10.28 0.10
C VAL A 17 -0.64 -9.48 1.38
N MET A 18 -0.93 -8.22 1.11
CA MET A 18 -1.24 -7.24 2.11
C MET A 18 -2.77 -7.02 2.18
N GLY A 19 -3.36 -7.31 3.34
CA GLY A 19 -4.77 -7.00 3.60
C GLY A 19 -5.03 -5.53 3.91
N ILE A 20 -6.26 -5.07 3.70
CA ILE A 20 -6.70 -3.72 3.90
C ILE A 20 -7.66 -3.70 5.09
N LEU A 21 -7.31 -2.84 6.01
CA LEU A 21 -8.10 -2.61 7.22
C LEU A 21 -8.25 -1.09 7.35
N ASN A 22 -9.39 -0.58 6.91
CA ASN A 22 -9.68 0.82 7.11
C ASN A 22 -10.57 1.00 8.35
N VAL A 23 -10.07 1.92 9.19
CA VAL A 23 -10.75 2.28 10.42
C VAL A 23 -11.04 3.78 10.44
N THR A 24 -11.81 4.23 9.44
CA THR A 24 -12.22 5.64 9.35
C THR A 24 -13.38 5.94 10.31
N PRO A 25 -13.60 7.18 10.75
CA PRO A 25 -14.84 7.63 11.42
C PRO A 25 -16.17 7.08 10.90
N ASP A 26 -16.31 6.80 9.57
CA ASP A 26 -17.52 6.25 8.90
C ASP A 26 -17.66 4.72 8.90
N SER A 27 -16.61 4.04 9.34
CA SER A 27 -16.60 2.57 9.48
C SER A 27 -16.16 2.06 10.88
N PHE A 28 -15.47 2.86 11.71
CA PHE A 28 -14.97 2.52 13.08
C PHE A 28 -15.78 3.44 13.99
N SER A 29 -16.94 2.79 13.90
CA SER A 29 -18.25 3.24 14.27
C SER A 29 -18.43 3.92 15.60
N ASP A 30 -19.49 4.70 15.34
CA ASP A 30 -20.19 5.57 16.28
C ASP A 30 -19.18 6.19 17.25
N GLY A 31 -18.76 7.40 16.82
CA GLY A 31 -17.72 8.13 17.54
C GLY A 31 -16.43 7.34 17.76
N GLY A 32 -15.50 8.21 18.23
CA GLY A 32 -14.06 7.90 18.48
C GLY A 32 -13.70 6.64 19.26
N THR A 33 -13.99 5.50 18.59
CA THR A 33 -13.85 4.12 19.08
C THR A 33 -15.07 3.68 19.87
N HIS A 34 -15.81 2.70 19.31
CA HIS A 34 -16.93 2.08 20.04
C HIS A 34 -16.32 0.69 20.32
N ASN A 35 -17.15 -0.39 20.17
CA ASN A 35 -16.64 -1.78 20.20
C ASN A 35 -16.32 -2.30 18.80
N SER A 36 -15.92 -1.33 17.95
CA SER A 36 -15.46 -1.55 16.60
C SER A 36 -14.00 -2.01 16.72
N LEU A 37 -13.38 -2.03 17.92
CA LEU A 37 -12.02 -2.49 18.08
C LEU A 37 -12.03 -4.00 17.97
N ILE A 38 -13.04 -4.75 18.48
CA ILE A 38 -13.06 -6.21 18.27
C ILE A 38 -13.45 -6.60 16.81
N ASP A 39 -14.15 -5.74 16.11
CA ASP A 39 -14.44 -5.97 14.71
C ASP A 39 -13.13 -5.96 13.91
N ALA A 40 -12.38 -4.86 14.08
CA ALA A 40 -11.06 -4.68 13.46
C ALA A 40 -10.10 -5.85 13.73
N VAL A 41 -10.08 -6.40 14.95
CA VAL A 41 -9.24 -7.53 15.37
C VAL A 41 -9.75 -8.89 14.81
N LYS A 42 -11.09 -9.08 14.72
CA LYS A 42 -11.73 -10.23 14.04
C LYS A 42 -11.30 -10.28 12.55
N HIS A 43 -11.51 -9.12 11.91
CA HIS A 43 -11.15 -8.85 10.53
C HIS A 43 -9.65 -9.08 10.27
N ALA A 44 -8.76 -8.59 11.14
CA ALA A 44 -7.33 -8.85 11.06
C ALA A 44 -6.98 -10.35 11.03
N ASN A 45 -7.71 -11.05 11.90
CA ASN A 45 -7.56 -12.48 12.12
C ASN A 45 -7.93 -13.32 10.91
N LEU A 46 -9.08 -13.02 10.35
CA LEU A 46 -9.49 -13.64 9.11
C LEU A 46 -8.45 -13.47 8.00
N MET A 47 -7.95 -12.26 7.76
CA MET A 47 -6.98 -11.95 6.71
C MET A 47 -5.69 -12.73 6.90
N ILE A 48 -5.19 -12.82 8.15
CA ILE A 48 -3.95 -13.56 8.52
C ILE A 48 -4.14 -15.06 8.20
N ASN A 49 -5.30 -15.56 8.57
CA ASN A 49 -5.64 -16.95 8.35
C ASN A 49 -5.96 -17.23 6.89
N ALA A 50 -6.28 -16.20 6.14
CA ALA A 50 -6.48 -16.41 4.72
C ALA A 50 -5.08 -16.32 4.10
N GLY A 51 -4.06 -15.82 4.84
CA GLY A 51 -2.68 -15.93 4.38
C GLY A 51 -1.98 -14.62 4.15
N ALA A 52 -2.63 -13.52 4.50
CA ALA A 52 -2.02 -12.19 4.36
C ALA A 52 -0.83 -12.09 5.31
N THR A 53 0.28 -11.54 4.85
CA THR A 53 1.45 -11.37 5.69
C THR A 53 1.70 -9.95 6.22
N ILE A 54 1.13 -8.96 5.54
CA ILE A 54 1.16 -7.55 5.97
C ILE A 54 -0.30 -7.07 6.06
N ILE A 55 -0.64 -6.11 6.96
CA ILE A 55 -1.99 -5.51 7.00
C ILE A 55 -1.80 -4.00 6.93
N ASP A 56 -2.57 -3.33 6.06
CA ASP A 56 -2.46 -1.89 5.89
C ASP A 56 -3.62 -1.20 6.64
N VAL A 57 -3.27 -0.65 7.82
CA VAL A 57 -4.21 0.11 8.67
C VAL A 57 -4.20 1.61 8.32
N GLY A 58 -5.34 2.12 7.91
CA GLY A 58 -5.45 3.51 7.59
C GLY A 58 -6.68 4.07 8.25
N GLY A 59 -6.56 5.31 8.72
CA GLY A 59 -7.66 6.02 9.34
C GLY A 59 -8.34 7.09 8.47
N GLU A 60 -7.84 7.29 7.28
CA GLU A 60 -8.37 8.33 6.38
C GLU A 60 -8.70 7.69 5.05
N SER A 61 -9.89 7.89 4.47
CA SER A 61 -10.20 7.31 3.17
C SER A 61 -9.41 8.07 2.11
N THR A 62 -9.01 7.33 1.10
CA THR A 62 -8.28 7.96 0.00
C THR A 62 -9.15 8.14 -1.23
N ARG A 63 -10.47 7.91 -1.17
CA ARG A 63 -11.34 7.91 -2.36
C ARG A 63 -11.75 9.30 -2.81
N PRO A 64 -12.19 9.55 -4.06
CA PRO A 64 -12.57 10.88 -4.54
C PRO A 64 -13.68 11.49 -3.69
N GLY A 65 -13.40 12.67 -3.15
CA GLY A 65 -14.36 13.34 -2.31
C GLY A 65 -14.28 12.93 -0.87
N ALA A 66 -13.34 12.12 -0.45
CA ALA A 66 -13.23 11.75 0.95
C ALA A 66 -12.95 12.94 1.88
N ALA A 67 -13.55 12.83 3.06
CA ALA A 67 -13.43 13.79 4.15
C ALA A 67 -12.02 13.78 4.69
N GLU A 68 -11.62 14.94 5.17
CA GLU A 68 -10.37 15.11 5.92
C GLU A 68 -10.57 14.55 7.32
N VAL A 69 -9.58 13.93 7.94
CA VAL A 69 -9.74 13.48 9.30
C VAL A 69 -8.74 14.32 10.16
N SER A 70 -9.13 14.73 11.37
CA SER A 70 -8.25 15.50 12.28
C SER A 70 -7.26 14.56 12.97
N VAL A 71 -6.19 15.10 13.53
CA VAL A 71 -5.15 14.33 14.19
C VAL A 71 -5.73 13.47 15.33
N GLU A 72 -6.64 14.06 16.10
CA GLU A 72 -7.27 13.34 17.22
C GLU A 72 -8.13 12.21 16.76
N GLU A 73 -8.83 12.41 15.66
CA GLU A 73 -9.71 11.38 15.15
C GLU A 73 -8.84 10.18 14.79
N GLU A 74 -7.74 10.42 14.06
CA GLU A 74 -6.80 9.37 13.65
C GLU A 74 -6.08 8.77 14.81
N LEU A 75 -5.60 9.54 15.76
CA LEU A 75 -4.92 8.94 16.90
C LEU A 75 -5.83 8.01 17.68
N GLN A 76 -7.08 8.43 17.77
CA GLN A 76 -8.08 7.69 18.49
C GLN A 76 -8.35 6.30 17.90
N ARG A 77 -8.35 6.18 16.55
CA ARG A 77 -8.68 4.94 15.85
C ARG A 77 -7.55 4.00 15.40
N VAL A 78 -6.53 4.58 14.83
CA VAL A 78 -5.40 3.87 14.27
C VAL A 78 -4.54 3.26 15.38
N ILE A 79 -4.11 4.04 16.38
CA ILE A 79 -3.18 3.55 17.40
C ILE A 79 -3.75 2.36 18.23
N PRO A 80 -4.98 2.36 18.82
CA PRO A 80 -5.68 1.16 19.35
C PRO A 80 -5.57 -0.15 18.54
N VAL A 81 -5.85 0.02 17.25
CA VAL A 81 -5.91 -1.09 16.33
C VAL A 81 -4.53 -1.66 16.00
N VAL A 82 -3.57 -0.79 15.70
CA VAL A 82 -2.20 -1.18 15.41
C VAL A 82 -1.65 -1.83 16.66
N GLU A 83 -1.87 -1.29 17.83
CA GLU A 83 -1.39 -1.89 19.07
C GLU A 83 -1.96 -3.28 19.38
N ALA A 84 -3.27 -3.46 19.20
CA ALA A 84 -3.93 -4.71 19.52
C ALA A 84 -3.48 -5.77 18.53
N ILE A 85 -3.15 -5.39 17.30
CA ILE A 85 -2.76 -6.38 16.32
C ILE A 85 -1.37 -6.88 16.66
N ALA A 86 -0.49 -5.91 16.90
CA ALA A 86 0.91 -6.24 17.17
C ALA A 86 1.05 -7.08 18.44
N GLN A 87 0.11 -6.97 19.38
CA GLN A 87 0.17 -7.75 20.61
C GLN A 87 -0.16 -9.22 20.40
N ARG A 88 -1.05 -9.46 19.42
CA ARG A 88 -1.70 -10.76 19.28
C ARG A 88 -1.17 -11.54 18.11
N PHE A 89 -0.46 -10.90 17.19
CA PHE A 89 -0.12 -11.61 15.98
C PHE A 89 1.27 -11.30 15.54
N GLU A 90 1.64 -12.25 14.69
CA GLU A 90 2.91 -12.26 14.00
C GLU A 90 2.95 -11.31 12.79
N VAL A 91 1.85 -11.04 12.02
CA VAL A 91 1.84 -10.13 10.85
C VAL A 91 2.67 -8.85 10.90
N TRP A 92 3.19 -8.43 9.76
CA TRP A 92 3.75 -7.08 9.65
C TRP A 92 2.55 -6.13 9.47
N ILE A 93 2.71 -4.90 9.90
CA ILE A 93 1.63 -3.92 9.95
C ILE A 93 2.15 -2.68 9.28
N SER A 94 1.52 -2.16 8.24
CA SER A 94 1.90 -0.85 7.75
C SER A 94 0.76 0.15 8.02
N VAL A 95 1.10 1.41 8.22
CA VAL A 95 0.12 2.44 8.54
C VAL A 95 0.06 3.50 7.45
N ASP A 96 -1.12 3.68 6.90
CA ASP A 96 -1.24 4.75 5.97
C ASP A 96 -1.81 5.92 6.76
N THR A 97 -0.88 6.84 6.98
CA THR A 97 -1.13 8.11 7.65
C THR A 97 -0.15 9.12 7.06
N SER A 98 -0.63 10.38 6.96
CA SER A 98 0.11 11.56 6.48
C SER A 98 0.65 12.47 7.58
N LYS A 99 0.14 12.25 8.77
CA LYS A 99 0.43 13.07 9.93
C LYS A 99 1.57 12.57 10.79
N PRO A 100 2.49 13.52 11.07
CA PRO A 100 3.72 13.30 11.84
C PRO A 100 3.50 12.61 13.18
N GLU A 101 2.55 13.13 13.95
CA GLU A 101 2.19 12.53 15.24
C GLU A 101 1.63 11.11 15.16
N VAL A 102 0.88 10.78 14.09
CA VAL A 102 0.39 9.42 13.95
C VAL A 102 1.57 8.53 13.55
N ILE A 103 2.54 9.05 12.79
CA ILE A 103 3.74 8.27 12.38
C ILE A 103 4.52 7.86 13.63
N ARG A 104 4.82 8.86 14.47
CA ARG A 104 5.56 8.70 15.73
C ARG A 104 4.87 7.75 16.68
N GLU A 105 3.56 7.94 16.86
CA GLU A 105 2.83 7.05 17.77
C GLU A 105 2.64 5.64 17.26
N SER A 106 2.55 5.47 15.94
CA SER A 106 2.33 4.13 15.44
C SER A 106 3.65 3.36 15.49
N ALA A 107 4.80 4.02 15.39
CA ALA A 107 6.10 3.38 15.55
C ALA A 107 6.20 2.82 16.96
N LYS A 108 5.90 3.68 17.92
CA LYS A 108 5.89 3.29 19.32
C LYS A 108 5.05 2.08 19.65
N VAL A 109 3.90 1.86 18.99
CA VAL A 109 3.14 0.64 19.30
C VAL A 109 3.40 -0.57 18.40
N GLY A 110 4.41 -0.55 17.53
CA GLY A 110 4.77 -1.75 16.76
C GLY A 110 4.52 -1.76 15.26
N ALA A 111 4.14 -0.68 14.56
CA ALA A 111 3.99 -0.62 13.10
C ALA A 111 5.37 -0.85 12.46
N HIS A 112 5.35 -1.58 11.35
CA HIS A 112 6.55 -1.95 10.66
C HIS A 112 6.85 -1.10 9.45
N ILE A 113 5.88 -0.58 8.67
CA ILE A 113 6.13 0.19 7.44
C ILE A 113 5.27 1.45 7.45
N ILE A 114 5.79 2.60 7.05
CA ILE A 114 4.96 3.80 6.95
C ILE A 114 4.58 3.85 5.49
N ASN A 115 3.28 3.80 5.24
CA ASN A 115 2.72 3.68 3.91
C ASN A 115 1.78 4.83 3.58
N ASP A 116 2.33 6.03 3.58
CA ASP A 116 1.58 7.25 3.35
C ASP A 116 1.22 7.58 1.87
N ILE A 117 -0.07 7.71 1.53
CA ILE A 117 -0.51 8.12 0.17
C ILE A 117 0.11 9.42 -0.29
N ARG A 118 0.41 10.32 0.64
CA ARG A 118 1.00 11.58 0.32
C ARG A 118 2.50 11.56 0.33
N SER A 119 3.18 10.41 0.39
CA SER A 119 4.66 10.32 0.38
C SER A 119 5.42 11.30 1.28
N LEU A 120 4.88 11.52 2.47
CA LEU A 120 5.45 12.33 3.52
C LEU A 120 5.59 13.80 3.09
N SER A 121 4.59 14.33 2.37
CA SER A 121 4.70 15.72 1.87
C SER A 121 4.22 16.79 2.87
N GLU A 122 3.50 16.35 3.89
CA GLU A 122 3.02 17.26 4.92
C GLU A 122 4.16 17.72 5.79
N PRO A 123 4.03 18.96 6.30
CA PRO A 123 5.01 19.56 7.23
C PRO A 123 5.41 18.65 8.40
N GLY A 124 6.70 18.35 8.51
CA GLY A 124 7.19 17.48 9.57
C GLY A 124 6.96 15.98 9.40
N ALA A 125 6.37 15.47 8.32
CA ALA A 125 6.16 14.03 8.13
C ALA A 125 7.46 13.31 7.77
N LEU A 126 8.32 13.89 6.97
CA LEU A 126 9.57 13.26 6.56
C LEU A 126 10.53 13.04 7.72
N GLU A 127 10.57 14.14 8.48
CA GLU A 127 11.31 14.23 9.74
C GLU A 127 10.88 13.22 10.78
N ALA A 128 9.57 13.00 10.92
CA ALA A 128 9.04 12.02 11.86
C ALA A 128 9.40 10.62 11.38
N ALA A 129 9.13 10.34 10.08
CA ALA A 129 9.38 9.07 9.41
C ALA A 129 10.83 8.68 9.61
N ALA A 130 11.73 9.61 9.30
CA ALA A 130 13.17 9.46 9.46
C ALA A 130 13.50 9.09 10.89
N GLU A 131 12.92 9.86 11.84
CA GLU A 131 13.16 9.55 13.26
C GLU A 131 12.80 8.13 13.67
N THR A 132 11.67 7.60 13.19
CA THR A 132 11.26 6.24 13.59
C THR A 132 12.20 5.15 13.05
N GLY A 133 12.92 5.45 11.95
CA GLY A 133 13.79 4.45 11.33
C GLY A 133 13.08 3.33 10.56
N LEU A 134 11.75 3.40 10.43
CA LEU A 134 10.96 2.38 9.76
C LEU A 134 11.09 2.48 8.26
N PRO A 135 10.90 1.36 7.53
CA PRO A 135 10.66 1.31 6.08
C PRO A 135 9.56 2.28 5.61
N VAL A 136 9.75 3.08 4.55
CA VAL A 136 8.66 3.95 4.03
C VAL A 136 8.38 3.71 2.52
N CYS A 137 7.08 3.62 2.20
CA CYS A 137 6.64 3.43 0.83
C CYS A 137 6.37 4.80 0.17
N LEU A 138 6.94 5.01 -1.02
CA LEU A 138 6.73 6.25 -1.78
C LEU A 138 5.79 5.90 -2.93
N MET A 139 4.86 6.82 -3.21
CA MET A 139 3.76 6.60 -4.13
C MET A 139 3.64 7.79 -5.05
N HIS A 140 3.51 7.53 -6.32
CA HIS A 140 3.30 8.60 -7.26
C HIS A 140 1.82 8.93 -7.23
N MET A 141 1.61 10.24 -7.30
CA MET A 141 0.29 10.77 -7.64
C MET A 141 0.48 12.21 -8.14
N GLN A 142 -0.50 12.71 -8.86
CA GLN A 142 -0.45 14.08 -9.35
C GLN A 142 -1.78 14.68 -8.92
N GLY A 143 -1.52 15.70 -8.10
CA GLY A 143 -2.58 16.51 -7.51
C GLY A 143 -2.83 16.11 -6.06
N ASN A 144 -4.12 16.29 -5.74
CA ASN A 144 -4.64 15.95 -4.43
C ASN A 144 -5.29 14.60 -4.70
N PRO A 145 -4.96 13.55 -3.92
CA PRO A 145 -5.43 12.16 -4.10
C PRO A 145 -6.94 12.00 -4.14
N LYS A 146 -7.60 12.78 -3.25
CA LYS A 146 -9.04 12.71 -3.05
C LYS A 146 -9.75 13.78 -3.82
N THR A 147 -9.21 14.27 -4.96
CA THR A 147 -10.05 15.09 -5.84
C THR A 147 -10.92 14.20 -6.75
N MET A 148 -12.05 14.87 -7.06
CA MET A 148 -13.13 14.38 -7.91
C MET A 148 -13.05 14.88 -9.36
N GLN A 149 -11.93 15.58 -9.61
CA GLN A 149 -11.60 16.19 -10.90
C GLN A 149 -10.63 15.31 -11.68
N GLU A 150 -10.82 15.54 -12.97
CA GLU A 150 -10.16 14.78 -14.02
C GLU A 150 -8.64 14.67 -13.95
N ALA A 151 -8.35 13.51 -14.58
CA ALA A 151 -6.99 12.94 -14.67
C ALA A 151 -6.07 13.82 -15.50
N PRO A 152 -4.82 14.00 -14.99
CA PRO A 152 -3.77 14.68 -15.77
C PRO A 152 -3.63 14.09 -17.18
N LYS A 153 -2.93 14.98 -17.83
CA LYS A 153 -2.38 14.78 -19.14
C LYS A 153 -0.91 14.61 -18.74
N TYR A 154 -0.27 13.66 -19.39
CA TYR A 154 1.16 13.46 -19.21
C TYR A 154 1.72 13.32 -20.61
N ASP A 155 2.95 13.81 -20.72
CA ASP A 155 3.75 13.71 -21.92
C ASP A 155 3.93 12.19 -22.17
N ASP A 156 4.33 11.55 -21.07
CA ASP A 156 4.49 10.12 -20.93
C ASP A 156 4.39 9.82 -19.44
N VAL A 157 3.40 9.01 -19.09
CA VAL A 157 3.11 8.63 -17.72
C VAL A 157 4.25 7.78 -17.12
N PHE A 158 4.81 6.82 -17.86
CA PHE A 158 5.90 6.01 -17.34
C PHE A 158 7.10 6.91 -17.04
N ALA A 159 7.46 7.86 -17.91
CA ALA A 159 8.63 8.71 -17.77
C ALA A 159 8.45 9.61 -16.57
N GLU A 160 7.23 10.11 -16.40
CA GLU A 160 6.92 10.96 -15.24
C GLU A 160 6.93 10.27 -13.90
N VAL A 161 6.43 9.04 -13.82
CA VAL A 161 6.47 8.25 -12.58
C VAL A 161 7.93 7.93 -12.17
N ASN A 162 8.70 7.59 -13.17
CA ASN A 162 10.08 7.27 -12.99
C ASN A 162 10.85 8.51 -12.50
N ARG A 163 10.58 9.69 -13.04
CA ARG A 163 11.32 10.87 -12.64
C ARG A 163 10.84 11.36 -11.27
N TYR A 164 9.58 11.10 -10.91
CA TYR A 164 9.07 11.41 -9.60
C TYR A 164 9.82 10.57 -8.55
N PHE A 165 9.94 9.24 -8.73
CA PHE A 165 10.66 8.38 -7.80
C PHE A 165 12.15 8.75 -7.67
N ILE A 166 12.85 9.13 -8.74
CA ILE A 166 14.23 9.59 -8.60
C ILE A 166 14.23 10.80 -7.64
N GLU A 167 13.33 11.76 -7.81
CA GLU A 167 13.23 12.96 -6.95
C GLU A 167 12.90 12.68 -5.49
N GLN A 168 11.97 11.76 -5.24
CA GLN A 168 11.63 11.39 -3.89
C GLN A 168 12.68 10.56 -3.14
N ILE A 169 13.50 9.74 -3.84
CA ILE A 169 14.53 8.94 -3.18
C ILE A 169 15.58 9.89 -2.67
N ALA A 170 15.96 10.87 -3.49
CA ALA A 170 16.89 11.96 -3.16
C ALA A 170 16.45 12.80 -1.93
N ARG A 171 15.19 13.21 -1.93
CA ARG A 171 14.61 13.97 -0.84
C ARG A 171 14.70 13.18 0.43
N CYS A 172 14.38 11.89 0.36
CA CYS A 172 14.41 11.04 1.53
C CYS A 172 15.84 10.82 1.98
N GLU A 173 16.79 10.81 1.02
CA GLU A 173 18.16 10.57 1.39
C GLU A 173 18.71 11.79 2.06
N GLN A 174 18.26 12.98 1.62
CA GLN A 174 18.72 14.24 2.18
C GLN A 174 18.21 14.33 3.58
N ALA A 175 17.10 13.69 3.92
CA ALA A 175 16.62 13.65 5.31
C ALA A 175 17.14 12.47 6.13
N GLY A 176 18.11 11.70 5.64
CA GLY A 176 18.70 10.62 6.38
C GLY A 176 17.96 9.30 6.34
N ILE A 177 17.01 9.11 5.44
CA ILE A 177 16.38 7.80 5.31
C ILE A 177 17.19 7.07 4.23
N ALA A 178 17.78 5.92 4.57
CA ALA A 178 18.49 5.12 3.57
C ALA A 178 17.60 4.59 2.43
N LYS A 179 18.10 4.53 1.18
CA LYS A 179 17.40 4.00 0.03
C LYS A 179 16.89 2.60 0.28
N GLU A 180 17.68 1.89 1.10
CA GLU A 180 17.38 0.52 1.54
C GLU A 180 16.11 0.33 2.36
N LYS A 181 15.58 1.42 2.89
CA LYS A 181 14.33 1.34 3.62
C LYS A 181 13.16 1.78 2.76
N LEU A 182 13.38 2.12 1.48
CA LEU A 182 12.31 2.59 0.62
C LEU A 182 11.64 1.44 -0.13
N LEU A 183 10.33 1.62 -0.36
CA LEU A 183 9.55 0.77 -1.25
C LEU A 183 8.89 1.73 -2.21
N LEU A 184 8.64 1.35 -3.47
CA LEU A 184 8.04 2.18 -4.49
C LEU A 184 6.64 1.69 -4.87
N ASP A 185 5.73 2.62 -5.19
CA ASP A 185 4.38 2.30 -5.57
C ASP A 185 3.95 3.17 -6.73
N PRO A 186 3.67 2.71 -7.98
CA PRO A 186 3.31 3.55 -9.14
C PRO A 186 2.01 4.36 -8.97
N GLY A 187 1.27 3.95 -7.93
CA GLY A 187 0.05 4.56 -7.51
C GLY A 187 -1.04 4.41 -8.54
N PHE A 188 -1.44 3.19 -8.85
CA PHE A 188 -2.55 2.98 -9.74
C PHE A 188 -3.85 3.64 -9.26
N GLY A 189 -4.54 4.28 -10.18
CA GLY A 189 -5.79 4.91 -9.83
C GLY A 189 -5.65 6.32 -9.29
N PHE A 190 -4.44 6.81 -9.04
CA PHE A 190 -4.22 8.13 -8.45
C PHE A 190 -3.56 9.08 -9.44
N GLY A 191 -4.40 9.92 -10.06
CA GLY A 191 -3.94 10.90 -11.06
C GLY A 191 -3.68 10.34 -12.44
N LYS A 192 -4.36 9.25 -12.79
CA LYS A 192 -4.12 8.53 -14.04
C LYS A 192 -5.45 8.11 -14.62
N ASN A 193 -5.63 8.14 -15.91
CA ASN A 193 -6.85 7.55 -16.49
C ASN A 193 -6.57 6.09 -16.83
N LEU A 194 -7.60 5.43 -17.33
CA LEU A 194 -7.56 4.03 -17.73
C LEU A 194 -6.37 3.72 -18.63
N SER A 195 -6.08 4.50 -19.67
CA SER A 195 -4.88 4.20 -20.47
C SER A 195 -3.57 4.30 -19.70
N HIS A 196 -3.43 5.33 -18.88
CA HIS A 196 -2.22 5.53 -18.11
C HIS A 196 -2.04 4.35 -17.20
N ASN A 197 -3.09 3.87 -16.52
CA ASN A 197 -3.02 2.72 -15.62
C ASN A 197 -2.54 1.43 -16.30
N TYR A 198 -3.09 1.07 -17.45
CA TYR A 198 -2.65 -0.11 -18.15
C TYR A 198 -1.26 0.06 -18.74
N SER A 199 -0.82 1.24 -19.09
CA SER A 199 0.56 1.48 -19.53
C SER A 199 1.61 1.15 -18.46
N LEU A 200 1.30 1.58 -17.24
CA LEU A 200 2.11 1.35 -16.07
C LEU A 200 2.08 -0.14 -15.69
N LEU A 201 0.94 -0.82 -15.81
CA LEU A 201 0.86 -2.25 -15.52
C LEU A 201 1.65 -3.02 -16.59
N ALA A 202 1.57 -2.62 -17.85
CA ALA A 202 2.23 -3.34 -18.91
C ALA A 202 3.76 -3.30 -18.78
N ARG A 203 4.23 -2.19 -18.21
CA ARG A 203 5.65 -1.90 -18.04
C ARG A 203 6.12 -1.94 -16.61
N LEU A 204 5.44 -2.65 -15.71
CA LEU A 204 5.83 -2.74 -14.31
C LEU A 204 7.22 -3.37 -14.10
N ALA A 205 7.60 -4.35 -14.94
CA ALA A 205 8.91 -5.03 -14.90
C ALA A 205 10.06 -4.03 -15.08
N GLU A 206 9.80 -2.92 -15.77
CA GLU A 206 10.79 -1.88 -15.95
C GLU A 206 11.20 -1.09 -14.72
N PHE A 207 10.39 -1.01 -13.67
CA PHE A 207 10.74 -0.27 -12.43
C PHE A 207 11.71 -0.98 -11.51
N HIS A 208 12.12 -2.18 -11.87
CA HIS A 208 13.14 -2.94 -11.15
C HIS A 208 14.53 -2.36 -11.31
N HIS A 209 14.73 -1.45 -12.25
CA HIS A 209 16.02 -0.81 -12.42
C HIS A 209 16.43 -0.01 -11.15
N PHE A 210 15.46 0.43 -10.32
CA PHE A 210 15.72 1.06 -9.02
C PHE A 210 16.23 0.09 -7.95
N ASN A 211 15.98 -1.17 -8.16
CA ASN A 211 16.28 -2.27 -7.25
C ASN A 211 15.79 -2.04 -5.81
N LEU A 212 14.54 -1.64 -5.81
CA LEU A 212 13.75 -1.42 -4.61
C LEU A 212 12.51 -2.32 -4.65
N PRO A 213 11.88 -2.73 -3.54
CA PRO A 213 10.65 -3.51 -3.59
C PRO A 213 9.53 -2.65 -4.19
N LEU A 214 8.61 -3.30 -4.90
CA LEU A 214 7.46 -2.66 -5.52
C LEU A 214 6.18 -3.10 -4.77
N LEU A 215 5.41 -2.12 -4.33
CA LEU A 215 4.13 -2.34 -3.72
C LEU A 215 3.11 -1.80 -4.73
N VAL A 216 2.03 -2.53 -4.90
CA VAL A 216 1.01 -2.32 -5.90
C VAL A 216 -0.38 -2.53 -5.29
N GLY A 217 -1.32 -1.69 -5.69
CA GLY A 217 -2.63 -1.77 -5.16
C GLY A 217 -3.64 -1.46 -6.21
N MET A 218 -4.09 -2.50 -6.89
CA MET A 218 -5.13 -2.36 -7.91
C MET A 218 -6.50 -2.90 -7.56
N SER A 219 -6.63 -3.51 -6.36
CA SER A 219 -7.89 -4.12 -5.94
C SER A 219 -9.17 -3.26 -6.07
N ARG A 220 -10.12 -3.84 -6.83
CA ARG A 220 -11.44 -3.30 -7.10
C ARG A 220 -11.49 -1.88 -7.68
N LYS A 221 -10.41 -1.37 -8.25
CA LYS A 221 -10.40 0.02 -8.70
C LYS A 221 -11.04 0.24 -10.06
N SER A 222 -11.24 1.53 -10.41
CA SER A 222 -11.82 2.01 -11.67
C SER A 222 -11.14 1.46 -12.86
N MET A 223 -9.84 1.25 -12.87
CA MET A 223 -9.21 0.64 -14.06
C MET A 223 -9.82 -0.72 -14.37
N ILE A 224 -10.40 -1.35 -13.36
CA ILE A 224 -11.14 -2.55 -13.56
C ILE A 224 -12.63 -2.22 -13.77
N GLY A 225 -13.30 -1.40 -12.95
CA GLY A 225 -14.71 -1.09 -13.18
C GLY A 225 -15.07 -0.48 -14.54
N GLN A 226 -14.22 0.40 -15.06
CA GLN A 226 -14.44 1.07 -16.36
C GLN A 226 -14.20 0.12 -17.53
N LEU A 227 -13.12 -0.68 -17.46
CA LEU A 227 -12.77 -1.65 -18.50
C LEU A 227 -13.81 -2.74 -18.64
N LEU A 228 -14.41 -3.20 -17.58
CA LEU A 228 -15.37 -4.29 -17.70
C LEU A 228 -16.79 -3.82 -17.58
N ASN A 229 -16.93 -2.55 -17.19
CA ASN A 229 -18.24 -1.96 -16.95
C ASN A 229 -19.07 -2.65 -15.83
N VAL A 230 -18.41 -3.00 -14.73
CA VAL A 230 -19.14 -3.57 -13.60
C VAL A 230 -18.98 -2.69 -12.33
N GLY A 231 -19.88 -2.85 -11.33
CA GLY A 231 -19.75 -2.07 -10.09
C GLY A 231 -18.70 -2.60 -9.13
N PRO A 232 -18.49 -1.99 -7.95
CA PRO A 232 -17.40 -2.29 -7.02
C PRO A 232 -17.33 -3.71 -6.51
N SER A 233 -18.47 -4.40 -6.39
CA SER A 233 -18.45 -5.75 -5.81
C SER A 233 -18.38 -6.89 -6.83
N GLU A 234 -18.44 -6.59 -8.11
CA GLU A 234 -18.33 -7.61 -9.15
C GLU A 234 -16.97 -7.55 -9.87
N ARG A 235 -15.97 -7.03 -9.14
CA ARG A 235 -14.61 -6.81 -9.64
C ARG A 235 -13.55 -7.84 -9.31
N LEU A 236 -13.91 -8.98 -8.71
CA LEU A 236 -12.95 -10.00 -8.28
C LEU A 236 -12.13 -10.58 -9.37
N SER A 237 -12.72 -11.19 -10.38
CA SER A 237 -11.98 -11.73 -11.52
C SER A 237 -10.96 -10.78 -12.15
N GLY A 238 -11.36 -9.52 -12.34
CA GLY A 238 -10.50 -8.49 -12.88
C GLY A 238 -9.42 -8.12 -11.89
N SER A 239 -9.72 -7.99 -10.61
CA SER A 239 -8.72 -7.73 -9.57
C SER A 239 -7.69 -8.87 -9.51
N LEU A 240 -8.07 -10.16 -9.55
CA LEU A 240 -7.17 -11.32 -9.58
C LEU A 240 -6.28 -11.27 -10.83
N ALA A 241 -6.83 -10.88 -12.01
CA ALA A 241 -6.01 -10.74 -13.23
C ALA A 241 -4.95 -9.68 -13.02
N CYS A 242 -5.22 -8.48 -12.47
CA CYS A 242 -4.21 -7.45 -12.21
C CYS A 242 -3.17 -7.93 -11.21
N ALA A 243 -3.60 -8.65 -10.16
CA ALA A 243 -2.70 -9.22 -9.17
C ALA A 243 -1.71 -10.19 -9.78
N VAL A 244 -2.12 -11.02 -10.71
CA VAL A 244 -1.28 -12.01 -11.37
C VAL A 244 -0.31 -11.40 -12.38
N ILE A 245 -0.78 -10.44 -13.18
CA ILE A 245 0.05 -9.71 -14.13
C ILE A 245 1.18 -8.97 -13.38
N ALA A 246 0.83 -8.32 -12.25
CA ALA A 246 1.83 -7.66 -11.40
C ALA A 246 2.82 -8.66 -10.83
N ALA A 247 2.40 -9.76 -10.22
CA ALA A 247 3.33 -10.71 -9.59
C ALA A 247 4.26 -11.53 -10.55
N MET A 248 3.74 -11.79 -11.76
CA MET A 248 4.49 -12.41 -12.85
C MET A 248 5.67 -11.51 -13.23
N GLN A 249 5.48 -10.18 -13.09
CA GLN A 249 6.54 -9.23 -13.40
C GLN A 249 7.38 -8.97 -12.19
N GLY A 250 7.18 -9.61 -11.06
CA GLY A 250 8.07 -9.44 -9.92
C GLY A 250 7.68 -8.44 -8.83
N ALA A 251 6.47 -7.86 -8.80
CA ALA A 251 5.95 -6.98 -7.75
C ALA A 251 6.07 -7.75 -6.45
N HIS A 252 6.57 -7.13 -5.43
CA HIS A 252 6.79 -7.78 -4.16
C HIS A 252 5.61 -7.76 -3.19
N ILE A 253 4.78 -6.72 -3.13
CA ILE A 253 3.64 -6.68 -2.23
C ILE A 253 2.40 -6.24 -3.01
N ILE A 254 1.33 -6.98 -2.86
CA ILE A 254 0.08 -6.73 -3.58
C ILE A 254 -0.96 -6.48 -2.48
N ARG A 255 -1.57 -5.30 -2.60
CA ARG A 255 -2.53 -4.79 -1.65
C ARG A 255 -3.92 -5.03 -2.20
N VAL A 256 -4.64 -5.87 -1.49
CA VAL A 256 -5.97 -6.35 -1.94
C VAL A 256 -7.08 -6.39 -0.87
N HIS A 257 -8.33 -6.44 -1.28
CA HIS A 257 -9.48 -6.66 -0.39
C HIS A 257 -9.79 -8.14 -0.25
N ASP A 258 -9.67 -8.91 -1.32
CA ASP A 258 -9.93 -10.35 -1.29
C ASP A 258 -8.65 -11.13 -1.08
N VAL A 259 -8.31 -11.28 0.19
CA VAL A 259 -7.09 -11.97 0.57
C VAL A 259 -7.05 -13.47 0.19
N LYS A 260 -8.03 -14.33 0.52
CA LYS A 260 -8.05 -15.77 0.20
C LYS A 260 -7.75 -16.10 -1.24
N GLU A 261 -8.49 -15.50 -2.12
CA GLU A 261 -8.41 -15.71 -3.53
C GLU A 261 -7.10 -15.22 -4.05
N THR A 262 -6.59 -14.08 -3.58
CA THR A 262 -5.33 -13.60 -4.12
C THR A 262 -4.17 -14.48 -3.66
N VAL A 263 -4.21 -14.98 -2.40
CA VAL A 263 -3.18 -15.88 -1.88
C VAL A 263 -3.15 -17.13 -2.79
N GLU A 264 -4.32 -17.70 -3.11
CA GLU A 264 -4.46 -18.81 -4.05
C GLU A 264 -3.89 -18.46 -5.39
N ALA A 265 -4.13 -17.31 -6.00
CA ALA A 265 -3.54 -16.94 -7.26
C ALA A 265 -2.04 -16.81 -7.19
N MET A 266 -1.54 -16.36 -6.04
CA MET A 266 -0.11 -16.13 -5.82
C MET A 266 0.71 -17.41 -5.73
N ARG A 267 0.06 -18.47 -5.28
CA ARG A 267 0.61 -19.82 -5.19
C ARG A 267 0.85 -20.41 -6.56
N VAL A 268 -0.10 -20.22 -7.47
CA VAL A 268 0.07 -20.63 -8.85
C VAL A 268 1.23 -19.86 -9.48
N VAL A 269 1.31 -18.54 -9.23
CA VAL A 269 2.37 -17.68 -9.75
C VAL A 269 3.74 -18.10 -9.27
N GLU A 270 3.81 -18.43 -7.99
CA GLU A 270 5.05 -18.88 -7.40
C GLU A 270 5.48 -20.22 -8.00
N ALA A 271 4.56 -21.17 -8.10
CA ALA A 271 4.85 -22.49 -8.72
C ALA A 271 5.39 -22.26 -10.13
N THR A 272 4.85 -21.25 -10.82
CA THR A 272 5.26 -20.91 -12.17
C THR A 272 6.62 -20.20 -12.27
N LEU A 273 6.89 -19.25 -11.39
CA LEU A 273 8.15 -18.52 -11.47
C LEU A 273 9.30 -19.42 -11.00
N SER A 274 9.01 -20.38 -10.15
CA SER A 274 9.95 -21.36 -9.63
C SER A 274 10.56 -22.27 -10.69
N ALA A 275 9.71 -22.51 -11.68
CA ALA A 275 10.04 -23.29 -12.84
C ALA A 275 10.61 -22.43 -13.96
N LYS A 276 10.60 -21.09 -13.90
CA LYS A 276 11.05 -20.14 -14.93
C LYS A 276 12.54 -19.91 -14.78
N GLU A 277 13.33 -19.98 -15.88
CA GLU A 277 14.81 -19.91 -15.73
C GLU A 277 15.25 -18.58 -15.02
N ASN A 278 14.46 -17.45 -15.07
CA ASN A 278 14.88 -16.21 -14.38
C ASN A 278 13.89 -15.51 -13.43
N LYS A 279 12.93 -16.32 -12.97
CA LYS A 279 11.99 -15.84 -11.95
C LYS A 279 11.28 -14.50 -12.33
N ARG A 280 11.05 -14.13 -13.60
CA ARG A 280 10.31 -12.93 -13.96
C ARG A 280 9.92 -12.91 -15.44
N TYR A 281 8.74 -12.37 -15.69
CA TYR A 281 8.20 -12.15 -17.02
C TYR A 281 8.31 -10.65 -17.33
N GLU A 282 8.82 -10.48 -18.53
CA GLU A 282 9.23 -9.23 -19.14
C GLU A 282 8.53 -9.07 -20.48
#